data_5QGS
#
_entry.id   5QGS
#
_cell.length_a   125.830
_cell.length_b   125.830
_cell.length_c   41.530
_cell.angle_alpha   90.000
_cell.angle_beta   90.000
_cell.angle_gamma   120.000
#
_symmetry.space_group_name_H-M   'P 3 2 1'
#
loop_
_entity.id
_entity.type
_entity.pdbx_description
1 polymer 'Peroxisomal coenzyme A diphosphatase NUDT7'
2 non-polymer 'ACETATE ION'
3 non-polymer 'DIMETHYL SULFOXIDE'
4 non-polymer "N-(4-chlorophenyl)-N'-[(2R)-1-hydroxybutan-2-yl]urea"
5 water water
#
_entity_poly.entity_id   1
_entity_poly.type   'polypeptide(L)'
_entity_poly.pdbx_seq_one_letter_code
;SMLDDAKARLRKYDIGGKYSHLPYNKYSVLLPLVAKEGKLHLLFTVRSEKLRRAPGEVCFPGGKRDPTDMDDAATALREA
QEEVGLR(HYP)HQVEVV(CSO)CLVPCLIDTDTLITPFVGLIDHNFQAQPNPAEVKDVFLVPLAYFLHPQVHDQHYVTR
LGHRFINHIFEYTNPEDGVTYQIKGMTANLAVLVAFIILEKKPT
;
_entity_poly.pdbx_strand_id   A
#
# COMPACT_ATOMS: atom_id res chain seq x y z
N SER A 1 3.97 0.26 -23.10
CA SER A 1 3.39 1.44 -22.39
C SER A 1 3.89 1.46 -20.93
N MET A 2 3.61 2.58 -20.24
CA MET A 2 3.94 2.79 -18.81
C MET A 2 3.30 1.66 -17.98
N LEU A 3 2.02 1.40 -18.23
CA LEU A 3 1.33 0.43 -17.37
C LEU A 3 1.72 -1.03 -17.63
N ASP A 4 1.94 -1.37 -18.91
CA ASP A 4 2.35 -2.72 -19.30
C ASP A 4 3.76 -2.97 -18.76
N ASP A 5 4.58 -1.93 -18.76
CA ASP A 5 5.94 -2.05 -18.27
C ASP A 5 5.94 -2.29 -16.74
N ALA A 6 5.10 -1.57 -16.00
CA ALA A 6 4.99 -1.75 -14.54
C ALA A 6 4.52 -3.15 -14.16
N LYS A 7 3.47 -3.65 -14.84
CA LYS A 7 2.97 -4.99 -14.56
C LYS A 7 4.04 -6.08 -14.86
N ALA A 8 4.75 -5.91 -15.97
CA ALA A 8 5.80 -6.85 -16.38
C ALA A 8 6.93 -6.92 -15.33
N ARG A 9 7.31 -5.75 -14.80
CA ARG A 9 8.34 -5.68 -13.74
C ARG A 9 7.85 -6.35 -12.45
N LEU A 10 6.62 -6.01 -12.02
CA LEU A 10 6.05 -6.57 -10.82
C LEU A 10 5.93 -8.09 -10.84
N ARG A 11 5.58 -8.67 -11.99
CA ARG A 11 5.39 -10.12 -12.10
C ARG A 11 6.66 -10.92 -11.80
N LYS A 12 7.83 -10.31 -12.06
CA LYS A 12 9.11 -10.92 -11.73
C LYS A 12 9.40 -11.12 -10.22
N TYR A 13 8.68 -10.44 -9.32
CA TYR A 13 8.88 -10.48 -7.90
C TYR A 13 7.72 -11.19 -7.16
N ASP A 14 6.77 -11.74 -7.92
CA ASP A 14 5.57 -12.42 -7.36
C ASP A 14 6.01 -13.72 -6.70
N ILE A 15 5.67 -13.88 -5.44
CA ILE A 15 5.90 -15.16 -4.75
C ILE A 15 4.64 -16.06 -4.84
N GLY A 16 3.52 -15.52 -5.34
CA GLY A 16 2.26 -16.28 -5.41
C GLY A 16 1.81 -16.75 -4.02
N GLY A 17 1.34 -17.99 -3.96
CA GLY A 17 0.80 -18.58 -2.73
C GLY A 17 1.77 -19.38 -1.90
N LYS A 18 3.06 -19.20 -2.17
CA LYS A 18 4.11 -20.04 -1.58
C LYS A 18 4.07 -20.09 0.01
N TYR A 19 3.81 -18.96 0.65
CA TYR A 19 3.74 -18.86 2.13
C TYR A 19 2.28 -18.73 2.71
N SER A 20 1.29 -18.90 1.85
CA SER A 20 -0.11 -18.58 2.21
C SER A 20 -0.80 -19.59 3.13
N HIS A 21 -0.27 -20.82 3.24
CA HIS A 21 -0.97 -21.87 4.05
C HIS A 21 -0.38 -22.05 5.45
N LEU A 22 0.72 -21.34 5.74
CA LEU A 22 1.34 -21.46 7.06
C LEU A 22 0.41 -21.02 8.19
N PRO A 23 0.52 -21.65 9.39
CA PRO A 23 -0.53 -21.42 10.45
C PRO A 23 -0.34 -20.16 11.32
N TYR A 24 -0.34 -18.98 10.69
CA TYR A 24 -0.21 -17.71 11.38
C TYR A 24 -1.58 -17.02 11.59
N ASN A 25 -1.60 -16.01 12.44
CA ASN A 25 -2.65 -14.95 12.41
C ASN A 25 -2.38 -14.13 11.13
N LYS A 26 -3.34 -14.10 10.22
CA LYS A 26 -3.14 -13.61 8.84
C LYS A 26 -3.82 -12.28 8.57
N TYR A 27 -3.03 -11.36 7.98
CA TYR A 27 -3.53 -10.01 7.55
C TYR A 27 -3.02 -9.77 6.13
N SER A 28 -3.77 -9.00 5.34
CA SER A 28 -3.34 -8.57 3.98
C SER A 28 -3.44 -7.07 3.83
N VAL A 29 -2.53 -6.49 3.02
CA VAL A 29 -2.60 -5.08 2.61
C VAL A 29 -2.60 -4.97 1.08
N LEU A 30 -3.26 -3.89 0.60
CA LEU A 30 -3.26 -3.55 -0.83
C LEU A 30 -2.37 -2.32 -1.03
N LEU A 31 -1.38 -2.44 -1.92
CA LEU A 31 -0.53 -1.30 -2.35
C LEU A 31 -1.14 -0.76 -3.68
N PRO A 32 -1.94 0.32 -3.61
CA PRO A 32 -2.75 0.69 -4.79
C PRO A 32 -1.98 1.72 -5.68
N LEU A 33 -1.72 1.33 -6.92
CA LEU A 33 -1.00 2.18 -7.92
C LEU A 33 -2.01 2.91 -8.79
N VAL A 34 -1.88 4.24 -8.85
CA VAL A 34 -2.76 5.16 -9.57
C VAL A 34 -1.91 5.95 -10.57
N ALA A 35 -2.32 5.99 -11.85
CA ALA A 35 -1.64 6.83 -12.84
C ALA A 35 -2.35 8.17 -12.99
N LYS A 36 -1.61 9.27 -12.85
CA LYS A 36 -2.11 10.67 -12.85
C LYS A 36 -1.02 11.52 -13.48
N GLU A 37 -1.38 12.40 -14.43
CA GLU A 37 -0.44 13.37 -15.00
C GLU A 37 0.82 12.73 -15.54
N GLY A 38 0.66 11.54 -16.12
CA GLY A 38 1.69 10.80 -16.76
C GLY A 38 2.72 10.14 -15.85
N LYS A 39 2.40 9.98 -14.56
CA LYS A 39 3.33 9.37 -13.57
C LYS A 39 2.54 8.39 -12.67
N LEU A 40 3.22 7.40 -12.12
CA LEU A 40 2.58 6.49 -11.12
C LEU A 40 2.65 7.09 -9.69
N HIS A 41 1.60 6.80 -8.91
CA HIS A 41 1.43 7.26 -7.54
C HIS A 41 0.96 6.06 -6.69
N LEU A 42 1.31 6.08 -5.41
CA LEU A 42 0.71 5.16 -4.44
C LEU A 42 -0.34 5.89 -3.60
N LEU A 43 -1.44 5.17 -3.32
CA LEU A 43 -2.51 5.63 -2.43
C LEU A 43 -2.31 5.13 -0.99
N PHE A 44 -2.35 6.09 -0.05
CA PHE A 44 -2.21 5.88 1.38
C PHE A 44 -3.48 6.33 2.14
N THR A 45 -3.67 5.72 3.33
CA THR A 45 -4.70 6.17 4.29
C THR A 45 -4.05 6.72 5.56
N VAL A 46 -4.77 7.61 6.25
CA VAL A 46 -4.50 7.95 7.63
C VAL A 46 -5.60 7.28 8.48
N ARG A 47 -5.17 6.44 9.41
CA ARG A 47 -6.10 5.68 10.26
C ARG A 47 -6.89 6.60 11.18
N SER A 48 -8.16 6.28 11.42
CA SER A 48 -8.97 7.03 12.36
C SER A 48 -8.34 7.06 13.75
N GLU A 49 -8.44 8.21 14.42
CA GLU A 49 -8.01 8.36 15.83
C GLU A 49 -8.74 7.43 16.81
N LYS A 50 -9.90 6.89 16.40
CA LYS A 50 -10.73 6.00 17.22
C LYS A 50 -10.29 4.52 17.23
N LEU A 51 -9.38 4.11 16.36
CA LEU A 51 -9.00 2.69 16.28
C LEU A 51 -8.05 2.31 17.41
N ARG A 52 -8.10 1.03 17.80
CA ARG A 52 -7.27 0.55 18.93
C ARG A 52 -5.81 0.48 18.49
N ARG A 53 -5.56 -0.19 17.36
CA ARG A 53 -4.20 -0.29 16.80
C ARG A 53 -3.82 0.93 15.93
N ALA A 54 -2.73 1.60 16.30
CA ALA A 54 -2.07 2.59 15.43
C ALA A 54 -2.99 3.72 14.96
N PRO A 55 -3.68 4.37 15.92
CA PRO A 55 -4.62 5.42 15.55
C PRO A 55 -3.87 6.59 15.00
N GLY A 56 -4.37 7.18 13.92
CA GLY A 56 -3.74 8.35 13.32
C GLY A 56 -2.48 8.13 12.50
N GLU A 57 -2.02 6.88 12.34
CA GLU A 57 -0.80 6.56 11.55
C GLU A 57 -1.15 6.43 10.06
N VAL A 58 -0.14 6.68 9.21
CA VAL A 58 -0.25 6.40 7.77
C VAL A 58 -0.05 4.90 7.48
N CYS A 59 -0.99 4.30 6.73
N CYS A 59 -0.97 4.30 6.72
CA CYS A 59 -0.90 2.89 6.31
CA CYS A 59 -0.88 2.90 6.33
C CYS A 59 -1.54 2.67 4.96
C CYS A 59 -1.58 2.66 4.98
N PHE A 60 -1.29 1.50 4.40
CA PHE A 60 -1.98 1.02 3.22
C PHE A 60 -3.33 0.40 3.65
N PRO A 61 -4.34 0.44 2.76
CA PRO A 61 -5.60 -0.25 3.10
C PRO A 61 -5.34 -1.74 3.36
N GLY A 62 -6.08 -2.32 4.31
CA GLY A 62 -5.86 -3.73 4.66
C GLY A 62 -6.51 -4.10 5.97
N GLY A 63 -6.31 -5.35 6.37
CA GLY A 63 -6.86 -5.88 7.64
C GLY A 63 -6.77 -7.37 7.78
N LYS A 64 -7.49 -7.91 8.79
CA LYS A 64 -7.38 -9.33 9.16
C LYS A 64 -8.23 -10.24 8.26
N ARG A 65 -7.70 -11.38 7.86
CA ARG A 65 -8.44 -12.34 7.07
C ARG A 65 -9.66 -12.82 7.87
N ASP A 66 -10.77 -13.05 7.16
CA ASP A 66 -12.00 -13.67 7.79
C ASP A 66 -12.45 -14.89 7.03
N PRO A 67 -13.44 -15.67 7.60
CA PRO A 67 -13.76 -16.90 6.93
C PRO A 67 -14.36 -16.80 5.57
N THR A 68 -14.92 -15.61 5.20
CA THR A 68 -15.50 -15.40 3.86
C THR A 68 -14.46 -15.32 2.73
N ASP A 69 -13.22 -14.96 3.07
CA ASP A 69 -12.24 -14.68 2.03
C ASP A 69 -11.78 -15.98 1.35
N MET A 70 -11.88 -16.05 0.03
CA MET A 70 -11.40 -17.20 -0.73
C MET A 70 -9.89 -17.44 -0.61
N ASP A 71 -9.14 -16.34 -0.50
CA ASP A 71 -7.68 -16.35 -0.44
C ASP A 71 -7.19 -15.02 0.15
N ASP A 72 -5.86 -14.84 0.25
CA ASP A 72 -5.30 -13.66 0.90
C ASP A 72 -5.53 -12.36 0.07
N ALA A 73 -5.58 -12.50 -1.24
CA ALA A 73 -5.89 -11.34 -2.12
C ALA A 73 -7.33 -10.82 -1.84
N ALA A 74 -8.26 -11.76 -1.60
CA ALA A 74 -9.63 -11.37 -1.24
C ALA A 74 -9.73 -10.53 0.03
N THR A 75 -8.93 -10.86 1.06
CA THR A 75 -8.83 -10.04 2.24
C THR A 75 -8.47 -8.58 1.92
N ALA A 76 -7.39 -8.41 1.14
CA ALA A 76 -7.00 -7.05 0.76
C ALA A 76 -8.09 -6.23 0.03
N LEU A 77 -8.77 -6.85 -0.92
CA LEU A 77 -9.87 -6.22 -1.69
C LEU A 77 -11.08 -5.91 -0.84
N ARG A 78 -11.46 -6.84 0.06
CA ARG A 78 -12.62 -6.59 0.96
C ARG A 78 -12.36 -5.39 1.88
N GLU A 79 -11.14 -5.34 2.45
CA GLU A 79 -10.79 -4.26 3.35
C GLU A 79 -10.67 -2.92 2.61
N ALA A 80 -10.05 -2.92 1.41
CA ALA A 80 -10.00 -1.70 0.62
C ALA A 80 -11.41 -1.15 0.29
N GLN A 81 -12.35 -2.04 -0.01
CA GLN A 81 -13.75 -1.61 -0.27
C GLN A 81 -14.36 -0.95 0.98
N GLU A 82 -14.20 -1.58 2.14
CA GLU A 82 -14.73 -1.05 3.40
C GLU A 82 -14.12 0.31 3.77
N GLU A 83 -12.81 0.49 3.53
CA GLU A 83 -12.14 1.71 3.97
C GLU A 83 -12.28 2.91 3.05
N VAL A 84 -12.17 2.68 1.74
CA VAL A 84 -12.14 3.79 0.75
C VAL A 84 -13.11 3.68 -0.42
N GLY A 85 -13.95 2.64 -0.41
CA GLY A 85 -14.99 2.42 -1.43
C GLY A 85 -14.55 1.81 -2.76
N LEU A 86 -13.32 1.29 -2.81
CA LEU A 86 -12.81 0.61 -4.02
C LEU A 86 -13.55 -0.69 -4.32
N ARG A 87 -14.20 -0.77 -5.50
CA ARG A 87 -14.98 -1.93 -5.93
C ARG A 87 -14.15 -2.91 -6.77
N HIS A 89 -14.31 -4.40 -9.72
CA HIS A 89 -14.07 -4.08 -11.13
C HIS A 89 -13.07 -2.94 -11.29
N GLN A 90 -12.76 -2.22 -10.20
CA GLN A 90 -11.86 -1.03 -10.24
C GLN A 90 -10.40 -1.33 -9.92
N VAL A 91 -10.07 -2.59 -9.68
CA VAL A 91 -8.71 -3.00 -9.29
C VAL A 91 -8.28 -4.29 -10.00
N GLU A 92 -7.03 -4.28 -10.53
CA GLU A 92 -6.40 -5.50 -11.06
C GLU A 92 -5.19 -5.86 -10.16
N VAL A 93 -5.32 -6.95 -9.43
CA VAL A 93 -4.24 -7.45 -8.56
C VAL A 93 -3.19 -8.13 -9.46
N VAL A 94 -1.95 -7.62 -9.40
CA VAL A 94 -0.88 -8.01 -10.33
C VAL A 94 0.07 -9.02 -9.68
N CYS A 96 1.76 -10.68 -5.58
CA CYS A 96 1.97 -10.82 -4.18
C CYS A 96 3.50 -10.67 -3.88
N LEU A 97 3.87 -9.66 -3.08
CA LEU A 97 5.27 -9.41 -2.71
C LEU A 97 5.62 -10.20 -1.45
N VAL A 98 6.90 -10.20 -1.09
CA VAL A 98 7.37 -10.90 0.10
C VAL A 98 6.56 -10.54 1.34
N PRO A 99 6.11 -11.57 2.09
CA PRO A 99 5.39 -11.22 3.33
C PRO A 99 6.26 -10.71 4.48
N CYS A 100 5.60 -10.04 5.44
N CYS A 100 5.62 -10.04 5.44
CA CYS A 100 6.19 -9.37 6.62
CA CYS A 100 6.23 -9.33 6.57
C CYS A 100 5.84 -10.22 7.85
C CYS A 100 5.85 -10.17 7.84
N LEU A 101 6.84 -10.70 8.57
CA LEU A 101 6.64 -11.42 9.87
C LEU A 101 6.67 -10.46 11.05
N ILE A 102 5.67 -10.52 11.92
CA ILE A 102 5.65 -9.67 13.09
C ILE A 102 5.08 -10.37 14.33
N ASP A 103 5.56 -9.97 15.51
CA ASP A 103 4.97 -10.38 16.82
C ASP A 103 5.12 -11.88 17.13
N THR A 104 5.96 -12.59 16.37
CA THR A 104 6.21 -14.02 16.44
C THR A 104 5.08 -14.95 15.95
N ASP A 105 3.86 -14.43 15.80
CA ASP A 105 2.71 -15.23 15.44
C ASP A 105 1.88 -14.67 14.26
N THR A 106 2.36 -13.63 13.58
CA THR A 106 1.56 -12.92 12.59
C THR A 106 2.33 -12.79 11.27
N LEU A 107 1.61 -12.94 10.18
CA LEU A 107 2.12 -12.83 8.82
C LEU A 107 1.24 -11.86 8.01
N ILE A 108 1.86 -10.80 7.46
CA ILE A 108 1.15 -9.76 6.67
C ILE A 108 1.59 -9.91 5.21
N THR A 109 0.62 -10.16 4.34
CA THR A 109 0.84 -10.44 2.92
C THR A 109 0.46 -9.19 2.09
N PRO A 110 1.45 -8.56 1.37
CA PRO A 110 1.15 -7.37 0.55
C PRO A 110 0.87 -7.73 -0.93
N PHE A 111 -0.20 -7.12 -1.49
CA PHE A 111 -0.58 -7.28 -2.88
C PHE A 111 -0.48 -5.94 -3.59
N VAL A 112 0.07 -5.91 -4.82
CA VAL A 112 0.06 -4.66 -5.61
C VAL A 112 -1.11 -4.71 -6.59
N GLY A 113 -1.89 -3.62 -6.61
CA GLY A 113 -3.07 -3.50 -7.49
C GLY A 113 -3.02 -2.26 -8.36
N LEU A 114 -3.37 -2.40 -9.64
CA LEU A 114 -3.52 -1.25 -10.57
C LEU A 114 -4.96 -0.75 -10.47
N ILE A 115 -5.10 0.54 -10.18
CA ILE A 115 -6.39 1.19 -9.92
C ILE A 115 -6.96 1.87 -11.17
N ASP A 116 -8.25 1.64 -11.45
CA ASP A 116 -8.94 2.29 -12.58
C ASP A 116 -8.87 3.82 -12.52
N HIS A 117 -8.67 4.45 -13.68
CA HIS A 117 -8.63 5.93 -13.71
C HIS A 117 -9.94 6.69 -13.30
N ASN A 118 -11.12 6.03 -13.28
CA ASN A 118 -12.36 6.69 -12.87
C ASN A 118 -12.66 6.47 -11.37
N PHE A 119 -11.79 5.75 -10.63
CA PHE A 119 -12.03 5.57 -9.20
C PHE A 119 -11.87 6.92 -8.47
N GLN A 120 -12.82 7.23 -7.57
CA GLN A 120 -12.66 8.38 -6.69
C GLN A 120 -12.90 7.92 -5.25
N ALA A 121 -11.89 8.13 -4.41
CA ALA A 121 -11.97 7.62 -3.03
C ALA A 121 -13.11 8.25 -2.28
N GLN A 122 -13.80 7.41 -1.51
CA GLN A 122 -14.86 7.81 -0.57
C GLN A 122 -14.40 7.33 0.83
N PRO A 123 -13.61 8.15 1.55
CA PRO A 123 -13.13 7.78 2.90
C PRO A 123 -14.28 7.43 3.86
N ASN A 124 -14.20 6.25 4.47
CA ASN A 124 -15.13 5.84 5.52
C ASN A 124 -14.64 6.38 6.90
N PRO A 125 -15.31 7.41 7.47
CA PRO A 125 -14.72 8.07 8.65
C PRO A 125 -14.63 7.18 9.92
N ALA A 126 -15.37 6.07 9.95
CA ALA A 126 -15.20 5.08 11.04
C ALA A 126 -13.81 4.38 11.02
N GLU A 127 -13.17 4.39 9.86
CA GLU A 127 -11.89 3.70 9.69
C GLU A 127 -10.73 4.56 9.26
N VAL A 128 -11.02 5.61 8.50
CA VAL A 128 -9.99 6.42 7.84
C VAL A 128 -10.32 7.91 8.05
N LYS A 129 -9.35 8.67 8.56
CA LYS A 129 -9.40 10.14 8.68
C LYS A 129 -9.06 10.89 7.39
N ASP A 130 -8.25 10.27 6.51
CA ASP A 130 -7.78 10.95 5.30
C ASP A 130 -7.29 9.86 4.30
N VAL A 131 -7.25 10.22 3.01
CA VAL A 131 -6.69 9.40 1.92
C VAL A 131 -5.88 10.37 1.05
N PHE A 132 -4.67 9.97 0.63
CA PHE A 132 -3.80 10.86 -0.16
C PHE A 132 -2.89 10.04 -1.08
N LEU A 133 -2.41 10.70 -2.14
CA LEU A 133 -1.48 10.11 -3.11
C LEU A 133 -0.08 10.65 -2.94
N VAL A 134 0.91 9.79 -3.19
CA VAL A 134 2.32 10.24 -3.26
C VAL A 134 2.94 9.71 -4.57
N PRO A 135 3.62 10.58 -5.36
CA PRO A 135 4.26 10.05 -6.53
C PRO A 135 5.29 8.94 -6.17
N LEU A 136 5.31 7.87 -6.96
CA LEU A 136 6.21 6.76 -6.68
C LEU A 136 7.68 7.19 -6.68
N ALA A 137 8.04 8.11 -7.58
CA ALA A 137 9.42 8.61 -7.65
C ALA A 137 9.93 9.30 -6.35
N TYR A 138 9.03 9.83 -5.51
CA TYR A 138 9.40 10.42 -4.23
C TYR A 138 10.28 9.47 -3.39
N PHE A 139 9.94 8.18 -3.45
CA PHE A 139 10.57 7.18 -2.60
C PHE A 139 12.02 6.86 -2.98
N LEU A 140 12.46 7.38 -4.13
CA LEU A 140 13.88 7.29 -4.53
C LEU A 140 14.70 8.43 -3.96
N HIS A 141 14.07 9.55 -3.58
CA HIS A 141 14.76 10.73 -3.00
C HIS A 141 13.88 11.35 -1.93
N PRO A 142 13.59 10.57 -0.86
CA PRO A 142 12.68 11.05 0.17
C PRO A 142 13.33 12.09 1.09
N GLN A 143 12.50 12.81 1.84
CA GLN A 143 12.95 13.73 2.87
C GLN A 143 12.93 12.97 4.20
N VAL A 144 14.12 12.62 4.71
CA VAL A 144 14.29 11.73 5.86
C VAL A 144 14.51 12.54 7.14
N HIS A 145 13.83 12.14 8.21
CA HIS A 145 14.02 12.68 9.55
C HIS A 145 14.25 11.53 10.52
N ASP A 146 15.16 11.69 11.47
CA ASP A 146 15.47 10.63 12.44
C ASP A 146 14.76 10.92 13.76
N GLN A 147 14.00 9.95 14.27
CA GLN A 147 13.18 10.14 15.48
C GLN A 147 13.94 9.78 16.75
N ILE A 158 17.30 5.29 17.42
CA ILE A 158 16.98 6.11 16.25
C ILE A 158 16.28 5.29 15.15
N ASN A 159 15.25 5.85 14.52
CA ASN A 159 14.58 5.22 13.38
C ASN A 159 14.20 6.26 12.29
N HIS A 160 14.31 5.83 11.03
CA HIS A 160 14.12 6.72 9.87
C HIS A 160 12.63 6.92 9.56
N ILE A 161 12.26 8.17 9.32
CA ILE A 161 10.88 8.61 9.04
C ILE A 161 10.90 9.47 7.77
N PHE A 162 9.93 9.29 6.88
CA PHE A 162 9.80 10.13 5.69
C PHE A 162 8.75 11.23 5.94
N GLU A 163 9.01 12.47 5.50
CA GLU A 163 8.03 13.57 5.46
C GLU A 163 7.68 13.95 4.02
N TYR A 164 6.41 13.88 3.69
CA TYR A 164 5.93 14.21 2.34
C TYR A 164 4.95 15.37 2.47
N THR A 165 5.20 16.43 1.70
CA THR A 165 4.32 17.61 1.66
C THR A 165 3.53 17.65 0.33
N ASN A 166 2.19 17.62 0.39
CA ASN A 166 1.35 17.72 -0.81
C ASN A 166 1.41 19.15 -1.40
N PRO A 167 1.92 19.30 -2.64
CA PRO A 167 2.02 20.66 -3.21
C PRO A 167 0.66 21.34 -3.53
N GLU A 168 -0.41 20.57 -3.57
CA GLU A 168 -1.75 21.11 -3.77
C GLU A 168 -2.24 21.99 -2.61
N ASP A 169 -1.90 21.61 -1.36
CA ASP A 169 -2.40 22.23 -0.14
C ASP A 169 -1.42 22.49 0.97
N GLY A 170 -0.13 22.13 0.79
CA GLY A 170 0.87 22.30 1.84
C GLY A 170 0.87 21.38 3.05
N VAL A 171 0.00 20.36 3.06
CA VAL A 171 -0.12 19.45 4.20
C VAL A 171 1.03 18.44 4.19
N THR A 172 1.63 18.24 5.36
CA THR A 172 2.74 17.29 5.53
C THR A 172 2.24 16.01 6.24
N TYR A 173 2.70 14.88 5.72
CA TYR A 173 2.36 13.54 6.25
C TYR A 173 3.67 12.83 6.60
N GLN A 174 3.66 12.10 7.72
CA GLN A 174 4.80 11.27 8.17
C GLN A 174 4.51 9.83 7.79
N ILE A 175 5.45 9.19 7.10
CA ILE A 175 5.31 7.79 6.65
C ILE A 175 6.48 7.00 7.26
N LYS A 176 6.20 5.89 7.95
CA LYS A 176 7.28 5.14 8.59
C LYS A 176 7.02 3.65 8.65
N GLY A 177 8.00 2.91 9.19
CA GLY A 177 7.82 1.48 9.47
C GLY A 177 7.60 0.63 8.22
N MET A 178 6.79 -0.42 8.36
CA MET A 178 6.51 -1.37 7.26
C MET A 178 5.98 -0.63 6.04
N THR A 179 5.12 0.36 6.29
CA THR A 179 4.51 1.14 5.18
C THR A 179 5.59 1.85 4.35
N ALA A 180 6.50 2.54 5.03
CA ALA A 180 7.63 3.20 4.32
C ALA A 180 8.51 2.19 3.57
N ASN A 181 8.81 1.05 4.23
N ASN A 181 8.81 1.05 4.23
CA ASN A 181 9.68 0.02 3.61
CA ASN A 181 9.69 0.06 3.60
C ASN A 181 9.09 -0.53 2.32
C ASN A 181 9.10 -0.53 2.33
N LEU A 182 7.80 -0.83 2.37
CA LEU A 182 7.10 -1.37 1.20
C LEU A 182 7.00 -0.38 0.02
N ALA A 183 6.82 0.90 0.36
CA ALA A 183 6.77 1.98 -0.67
C ALA A 183 8.09 2.07 -1.44
N VAL A 184 9.20 1.96 -0.69
CA VAL A 184 10.54 1.98 -1.35
C VAL A 184 10.71 0.77 -2.24
N LEU A 185 10.34 -0.43 -1.73
CA LEU A 185 10.44 -1.66 -2.52
C LEU A 185 9.72 -1.56 -3.89
N VAL A 186 8.46 -1.09 -3.86
CA VAL A 186 7.70 -0.93 -5.10
C VAL A 186 8.36 0.08 -6.07
N ALA A 187 8.86 1.18 -5.51
CA ALA A 187 9.56 2.21 -6.32
C ALA A 187 10.82 1.61 -7.01
N PHE A 188 11.60 0.85 -6.25
CA PHE A 188 12.79 0.18 -6.85
C PHE A 188 12.40 -0.79 -7.97
N ILE A 189 11.39 -1.65 -7.72
CA ILE A 189 10.97 -2.63 -8.71
C ILE A 189 10.56 -1.97 -10.03
N ILE A 190 9.73 -0.92 -9.93
CA ILE A 190 9.09 -0.33 -11.11
C ILE A 190 10.00 0.69 -11.84
N LEU A 191 10.79 1.44 -11.07
CA LEU A 191 11.53 2.60 -11.63
C LEU A 191 13.01 2.39 -11.85
N GLU A 192 13.59 1.30 -11.36
CA GLU A 192 15.06 1.14 -11.56
C GLU A 192 15.38 0.91 -13.03
N LYS A 193 16.57 1.39 -13.43
CA LYS A 193 17.15 1.16 -14.75
C LYS A 193 16.17 1.42 -15.85
N LYS A 194 15.78 2.69 -16.03
CA LYS A 194 14.82 3.13 -17.07
C LYS A 194 15.42 4.27 -17.88
N PRO A 195 15.40 4.16 -19.24
CA PRO A 195 15.77 5.31 -20.09
C PRO A 195 14.85 6.53 -19.86
N THR A 196 15.36 7.75 -20.07
CA THR A 196 14.55 8.98 -19.97
C THR A 196 14.03 9.44 -21.34
#